data_7T7W
#
_entry.id   7T7W
#
_entity_poly.entity_id   1
_entity_poly.type   'polypeptide(L)'
_entity_poly.pdbx_seq_one_letter_code
;LKKLWRFLKKL
;
_entity_poly.pdbx_strand_id   A
#
# COMPACT_ATOMS: atom_id res chain seq x y z
N LEU A 1 -1.71 -1.86 -10.31
CA LEU A 1 -2.92 -1.18 -9.81
C LEU A 1 -3.53 -1.95 -8.64
N LYS A 2 -3.09 -1.59 -7.44
CA LYS A 2 -3.58 -2.23 -6.22
C LYS A 2 -3.12 -1.41 -5.02
N LYS A 3 -3.93 -1.39 -3.96
CA LYS A 3 -3.66 -0.56 -2.79
C LYS A 3 -2.53 -1.14 -1.92
N LEU A 4 -1.79 -2.08 -2.46
CA LEU A 4 -0.68 -2.70 -1.73
C LEU A 4 0.41 -1.67 -1.42
N TRP A 5 0.70 -0.82 -2.40
CA TRP A 5 1.71 0.23 -2.21
C TRP A 5 1.29 1.19 -1.11
N ARG A 6 -0.02 1.37 -0.95
CA ARG A 6 -0.58 2.21 0.10
C ARG A 6 -0.41 1.52 1.45
N PHE A 7 -0.64 0.21 1.42
CA PHE A 7 -0.49 -0.62 2.62
C PHE A 7 0.98 -0.65 3.07
N LEU A 8 1.88 -0.71 2.10
CA LEU A 8 3.31 -0.75 2.40
C LEU A 8 3.79 0.57 2.99
N LYS A 9 3.27 1.68 2.48
CA LYS A 9 3.61 2.99 3.01
C LYS A 9 2.97 3.21 4.37
N LYS A 10 2.00 2.37 4.71
CA LYS A 10 1.34 2.46 6.00
C LYS A 10 1.93 1.46 6.99
N LEU A 11 2.96 0.74 6.56
CA LEU A 11 3.57 -0.28 7.39
C LEU A 11 4.83 0.30 8.03
N LEU A 1 -5.51 -1.37 -10.55
CA LEU A 1 -4.87 -0.80 -9.35
C LEU A 1 -4.87 -1.81 -8.22
N LYS A 2 -4.16 -1.48 -7.14
CA LYS A 2 -4.06 -2.34 -5.98
C LYS A 2 -3.50 -1.52 -4.82
N LYS A 3 -4.04 -1.69 -3.63
CA LYS A 3 -3.65 -0.85 -2.49
C LYS A 3 -2.34 -1.34 -1.84
N LEU A 4 -1.63 -2.24 -2.50
CA LEU A 4 -0.40 -2.80 -1.93
C LEU A 4 0.65 -1.71 -1.70
N TRP A 5 0.89 -0.89 -2.71
CA TRP A 5 1.89 0.17 -2.63
C TRP A 5 1.62 1.11 -1.46
N ARG A 6 0.35 1.42 -1.24
CA ARG A 6 -0.02 2.38 -0.21
C ARG A 6 -0.14 1.69 1.15
N PHE A 7 -0.35 0.38 1.14
CA PHE A 7 -0.42 -0.39 2.37
C PHE A 7 0.98 -0.55 2.97
N LEU A 8 1.98 -0.71 2.09
CA LEU A 8 3.37 -0.85 2.53
C LEU A 8 3.88 0.47 3.10
N LYS A 9 3.17 1.55 2.78
CA LYS A 9 3.51 2.87 3.30
C LYS A 9 2.98 3.02 4.72
N LYS A 10 1.93 2.26 5.03
CA LYS A 10 1.32 2.30 6.35
C LYS A 10 1.96 1.30 7.29
N LEU A 11 2.19 0.10 6.79
CA LEU A 11 2.81 -0.96 7.57
C LEU A 11 4.19 -1.27 6.98
N LEU A 1 -5.84 1.66 -8.54
CA LEU A 1 -5.15 1.86 -7.24
C LEU A 1 -4.93 0.52 -6.55
N LYS A 2 -3.81 -0.12 -6.86
CA LYS A 2 -3.42 -1.35 -6.18
C LYS A 2 -3.05 -1.03 -4.74
N LYS A 3 -3.94 -1.38 -3.81
CA LYS A 3 -3.82 -0.97 -2.41
C LYS A 3 -2.55 -1.46 -1.75
N LEU A 4 -1.85 -2.40 -2.38
CA LEU A 4 -0.61 -2.96 -1.84
C LEU A 4 0.43 -1.87 -1.61
N TRP A 5 0.57 -0.95 -2.56
CA TRP A 5 1.62 0.05 -2.51
C TRP A 5 1.37 1.06 -1.40
N ARG A 6 0.12 1.48 -1.24
CA ARG A 6 -0.22 2.42 -0.17
C ARG A 6 -0.22 1.71 1.17
N PHE A 7 -0.54 0.42 1.16
CA PHE A 7 -0.52 -0.38 2.38
C PHE A 7 0.91 -0.53 2.89
N LEU A 8 1.86 -0.58 1.96
CA LEU A 8 3.27 -0.68 2.31
C LEU A 8 3.74 0.60 3.02
N LYS A 9 3.04 1.69 2.77
CA LYS A 9 3.40 2.98 3.36
C LYS A 9 2.68 3.18 4.69
N LYS A 10 1.83 2.23 5.05
CA LYS A 10 1.10 2.29 6.30
C LYS A 10 2.07 2.14 7.48
N LEU A 11 2.90 1.11 7.42
CA LEU A 11 3.91 0.88 8.44
C LEU A 11 5.30 0.86 7.79
N LEU A 1 -5.63 -2.24 -10.37
CA LEU A 1 -5.37 -1.53 -9.12
C LEU A 1 -4.38 -2.32 -8.26
N LYS A 2 -3.46 -1.62 -7.63
CA LYS A 2 -2.51 -2.27 -6.72
C LYS A 2 -2.47 -1.50 -5.41
N LYS A 3 -3.54 -1.60 -4.63
CA LYS A 3 -3.68 -0.83 -3.39
C LYS A 3 -2.63 -1.23 -2.34
N LEU A 4 -1.85 -2.26 -2.64
CA LEU A 4 -0.79 -2.71 -1.74
C LEU A 4 0.21 -1.59 -1.46
N TRP A 5 0.48 -0.77 -2.46
CA TRP A 5 1.46 0.31 -2.34
C TRP A 5 1.05 1.31 -1.25
N ARG A 6 -0.24 1.31 -0.92
CA ARG A 6 -0.76 2.21 0.11
C ARG A 6 -0.39 1.68 1.48
N PHE A 7 -0.78 0.44 1.75
CA PHE A 7 -0.49 -0.20 3.03
C PHE A 7 1.01 -0.45 3.20
N LEU A 8 1.72 -0.53 2.08
CA LEU A 8 3.17 -0.75 2.10
C LEU A 8 3.90 0.47 2.67
N LYS A 9 3.22 1.62 2.66
CA LYS A 9 3.79 2.83 3.25
C LYS A 9 3.55 2.83 4.75
N LYS A 10 2.54 2.08 5.17
CA LYS A 10 2.16 2.03 6.58
C LYS A 10 3.02 1.02 7.33
N LEU A 11 2.97 -0.23 6.90
CA LEU A 11 3.75 -1.28 7.54
C LEU A 11 4.62 -1.99 6.50
N LEU A 1 -3.68 0.54 -9.78
CA LEU A 1 -3.05 -0.80 -9.81
C LEU A 1 -3.59 -1.68 -8.69
N LYS A 2 -3.17 -1.39 -7.47
CA LYS A 2 -3.59 -2.16 -6.30
C LYS A 2 -3.20 -1.38 -5.05
N LYS A 3 -3.96 -1.51 -3.98
CA LYS A 3 -3.71 -0.75 -2.75
C LYS A 3 -2.53 -1.32 -1.95
N LEU A 4 -1.78 -2.22 -2.58
CA LEU A 4 -0.62 -2.84 -1.95
C LEU A 4 0.44 -1.80 -1.59
N TRP A 5 0.75 -0.92 -2.53
CA TRP A 5 1.74 0.14 -2.32
C TRP A 5 1.35 1.01 -1.13
N ARG A 6 0.06 1.27 -1.00
CA ARG A 6 -0.46 2.14 0.05
C ARG A 6 -0.39 1.44 1.40
N PHE A 7 -0.65 0.14 1.39
CA PHE A 7 -0.57 -0.67 2.60
C PHE A 7 0.88 -0.72 3.11
N LEU A 8 1.82 -0.75 2.16
CA LEU A 8 3.23 -0.81 2.51
C LEU A 8 3.73 0.55 3.00
N LYS A 9 3.16 1.63 2.48
CA LYS A 9 3.57 2.97 2.86
C LYS A 9 2.94 3.39 4.18
N LYS A 10 2.21 2.48 4.80
CA LYS A 10 1.62 2.74 6.10
C LYS A 10 2.70 2.65 7.19
N LEU A 11 3.72 1.83 6.93
CA LEU A 11 4.82 1.67 7.87
C LEU A 11 5.93 2.67 7.55
N LEU A 1 -2.86 0.95 -9.26
CA LEU A 1 -3.72 -0.20 -9.61
C LEU A 1 -3.50 -1.35 -8.64
N LYS A 2 -3.18 -1.02 -7.40
CA LYS A 2 -2.92 -2.02 -6.38
C LYS A 2 -2.92 -1.34 -5.01
N LYS A 3 -3.77 -1.80 -4.10
CA LYS A 3 -3.91 -1.16 -2.80
C LYS A 3 -2.69 -1.43 -1.90
N LEU A 4 -1.79 -2.28 -2.37
CA LEU A 4 -0.59 -2.64 -1.59
C LEU A 4 0.38 -1.45 -1.47
N TRP A 5 0.42 -0.59 -2.48
CA TRP A 5 1.35 0.54 -2.49
C TRP A 5 1.13 1.42 -1.26
N ARG A 6 -0.10 1.84 -1.06
CA ARG A 6 -0.42 2.73 0.05
C ARG A 6 -0.35 1.98 1.38
N PHE A 7 -0.56 0.68 1.32
CA PHE A 7 -0.52 -0.16 2.51
C PHE A 7 0.92 -0.41 2.96
N LEU A 8 1.81 -0.59 1.99
CA LEU A 8 3.23 -0.85 2.28
C LEU A 8 3.85 0.35 2.96
N LYS A 9 3.31 1.53 2.66
CA LYS A 9 3.79 2.78 3.25
C LYS A 9 3.51 2.81 4.75
N LYS A 10 2.39 2.22 5.16
CA LYS A 10 1.97 2.27 6.55
C LYS A 10 2.35 1.01 7.33
N LEU A 11 2.11 -0.16 6.76
CA LEU A 11 2.36 -1.40 7.46
C LEU A 11 3.11 -2.39 6.58
N LEU A 1 -6.12 -0.19 -10.12
CA LEU A 1 -5.23 0.20 -9.02
C LEU A 1 -4.95 -0.99 -8.10
N LYS A 2 -3.98 -0.82 -7.21
CA LYS A 2 -3.67 -1.85 -6.23
C LYS A 2 -3.28 -1.16 -4.92
N LYS A 3 -3.83 -1.62 -3.80
CA LYS A 3 -3.65 -0.94 -2.52
C LYS A 3 -2.44 -1.48 -1.76
N LEU A 4 -1.59 -2.25 -2.45
CA LEU A 4 -0.43 -2.87 -1.81
C LEU A 4 0.65 -1.84 -1.52
N TRP A 5 0.99 -1.01 -2.50
CA TRP A 5 2.00 0.03 -2.33
C TRP A 5 1.59 0.97 -1.20
N ARG A 6 0.29 1.15 -1.07
CA ARG A 6 -0.27 2.03 -0.08
C ARG A 6 -0.22 1.37 1.29
N PHE A 7 -0.47 0.07 1.33
CA PHE A 7 -0.39 -0.69 2.57
C PHE A 7 1.05 -0.79 3.03
N LEU A 8 1.98 -0.75 2.07
CA LEU A 8 3.40 -0.82 2.35
C LEU A 8 3.89 0.45 3.03
N LYS A 9 3.42 1.60 2.55
CA LYS A 9 3.82 2.87 3.14
C LYS A 9 3.03 3.14 4.41
N LYS A 10 1.92 2.42 4.57
CA LYS A 10 1.03 2.62 5.71
C LYS A 10 1.56 1.89 6.95
N LEU A 11 1.64 0.57 6.87
CA LEU A 11 2.05 -0.23 8.01
C LEU A 11 3.38 -0.92 7.75
N LEU A 1 -6.46 0.55 -8.32
CA LEU A 1 -5.84 -0.59 -9.04
C LEU A 1 -5.35 -1.63 -8.04
N LYS A 2 -4.39 -1.23 -7.22
CA LYS A 2 -3.86 -2.10 -6.18
C LYS A 2 -3.38 -1.24 -5.01
N LYS A 3 -3.94 -1.46 -3.84
CA LYS A 3 -3.61 -0.63 -2.68
C LYS A 3 -2.46 -1.20 -1.87
N LEU A 4 -1.74 -2.16 -2.44
CA LEU A 4 -0.64 -2.83 -1.72
C LEU A 4 0.52 -1.86 -1.48
N TRP A 5 0.87 -1.08 -2.50
CA TRP A 5 1.93 -0.08 -2.36
C TRP A 5 1.54 0.97 -1.32
N ARG A 6 0.24 1.13 -1.12
CA ARG A 6 -0.28 2.05 -0.12
C ARG A 6 -0.25 1.39 1.25
N PHE A 7 -0.49 0.08 1.27
CA PHE A 7 -0.41 -0.70 2.50
C PHE A 7 1.04 -0.77 2.98
N LEU A 8 1.97 -0.63 2.04
CA LEU A 8 3.40 -0.61 2.35
C LEU A 8 3.77 0.71 3.00
N LYS A 9 2.98 1.75 2.75
CA LYS A 9 3.19 3.06 3.35
C LYS A 9 2.75 3.04 4.81
N LYS A 10 1.94 2.05 5.16
CA LYS A 10 1.43 1.90 6.51
C LYS A 10 2.37 1.04 7.33
N LEU A 11 3.60 0.88 6.84
CA LEU A 11 4.61 0.08 7.51
C LEU A 11 5.68 0.98 8.11
N LEU A 1 -8.05 -1.79 -8.48
CA LEU A 1 -7.08 -0.89 -7.83
C LEU A 1 -5.87 -1.68 -7.32
N LYS A 2 -4.87 -0.96 -6.84
CA LYS A 2 -3.68 -1.58 -6.29
C LYS A 2 -3.33 -0.90 -4.97
N LYS A 3 -3.88 -1.41 -3.88
CA LYS A 3 -3.70 -0.79 -2.57
C LYS A 3 -2.43 -1.28 -1.86
N LEU A 4 -1.77 -2.28 -2.44
CA LEU A 4 -0.61 -2.90 -1.78
C LEU A 4 0.49 -1.88 -1.49
N TRP A 5 0.92 -1.15 -2.52
CA TRP A 5 1.99 -0.17 -2.36
C TRP A 5 1.59 0.95 -1.41
N ARG A 6 0.28 1.12 -1.25
CA ARG A 6 -0.25 2.12 -0.32
C ARG A 6 -0.23 1.55 1.10
N PHE A 7 -0.54 0.27 1.21
CA PHE A 7 -0.48 -0.44 2.49
C PHE A 7 0.96 -0.59 2.95
N LEU A 8 1.90 -0.49 2.01
CA LEU A 8 3.32 -0.55 2.34
C LEU A 8 3.78 0.75 2.97
N LYS A 9 2.95 1.80 2.85
CA LYS A 9 3.25 3.08 3.49
C LYS A 9 2.85 3.03 4.96
N LYS A 10 2.05 2.04 5.30
CA LYS A 10 1.61 1.85 6.67
C LYS A 10 2.73 1.25 7.51
N LEU A 11 3.27 0.14 7.02
CA LEU A 11 4.35 -0.55 7.69
C LEU A 11 5.08 -1.43 6.67
N LEU A 1 -5.15 -1.07 -9.88
CA LEU A 1 -5.94 -0.86 -8.65
C LEU A 1 -5.53 -1.87 -7.58
N LYS A 2 -4.42 -1.61 -6.93
CA LYS A 2 -3.93 -2.46 -5.86
C LYS A 2 -3.39 -1.60 -4.72
N LYS A 3 -3.91 -1.80 -3.52
CA LYS A 3 -3.56 -0.94 -2.40
C LYS A 3 -2.21 -1.30 -1.79
N LEU A 4 -1.50 -2.23 -2.42
CA LEU A 4 -0.22 -2.72 -1.90
C LEU A 4 0.75 -1.57 -1.64
N TRP A 5 0.95 -0.72 -2.63
CA TRP A 5 1.92 0.38 -2.53
C TRP A 5 1.49 1.35 -1.43
N ARG A 6 0.19 1.44 -1.17
CA ARG A 6 -0.34 2.32 -0.15
C ARG A 6 -0.24 1.69 1.22
N PHE A 7 -0.58 0.41 1.31
CA PHE A 7 -0.56 -0.30 2.58
C PHE A 7 0.88 -0.59 3.03
N LEU A 8 1.78 -0.72 2.06
CA LEU A 8 3.19 -0.98 2.36
C LEU A 8 3.84 0.22 3.05
N LYS A 9 3.43 1.42 2.67
CA LYS A 9 3.95 2.63 3.29
C LYS A 9 3.09 3.02 4.48
N LYS A 10 2.01 2.28 4.69
CA LYS A 10 1.12 2.53 5.81
C LYS A 10 1.55 1.71 7.03
N LEU A 11 1.63 0.40 6.84
CA LEU A 11 2.07 -0.49 7.89
C LEU A 11 3.47 -1.00 7.57
#